data_8ER8
#
_entry.id   8ER8
#
loop_
_entity.id
_entity.type
_entity.pdbx_description
1 polymer 'Acheta domesticus segmented densovirus major capsid protein'
2 polymer "DNA (5'-D(P*AP*AP*TP*AP*A)-3')"
#
loop_
_entity_poly.entity_id
_entity_poly.type
_entity_poly.pdbx_seq_one_letter_code
_entity_poly.pdbx_strand_id
1 'polypeptide(L)'
;TKEGYGKHITSMHVRNIFNQGNQVIRNIVKQQRYELLDFTGTEAGTTNLPKIIPYQCIWWRGLQNAANVNQTINNMIALN
TISYGVRFLKAKLCIEVYAVTRKRLIQTGATSYYTDDFEQGQNLFIGWADRKAESIPITTPADLDETKLTVANTTLFDAN
NDNITKEEVPTREKWCHTWDLDVLNHNYLWEPNNLDSQWTLIPGAQAVQPTATPIGPTYQEIVIATKAIGANESALVTTI
QDRRSYPRLMLSQPQIKDETDTMKFKYQIRISTELEMEHHIKPDIANPWLTRQTLPLPALSGDGTTRYVPCVPYETHVSQ
RNWNHVGEYL
;
A
2 'polydeoxyribonucleotide'
;(DG)(N)(N)(N)(N)(N)(N)(N)(N)(N)(N)(N)(N)(N)(N)(N)(N)(N)(N)(N)(N)(N)(N)(N)(N)(N)
(N)(N)(N)(N)(N)(N)(N)(N)(N)(N)(N)(N)(N)(N)(N)(N)(N)(N)(N)(N)(N)(N)(N)(N)(N)(N)
(N)(N)(N)(N)(N)(N)(N)(N)(N)(N)(N)(N)(N)(N)(N)(N)(N)(N)(N)(N)(N)(N)(N)(N)(N)(N)
(N)(N)(N)(N)(N)(N)(N)(N)(N)(N)(N)(N)(N)(N)(N)(N)(N)(N)(N)(N)(N)(N)(N)(N)(N)(N)
(N)(N)(N)(N)(N)(N)(N)(N)(N)(N)(N)(N)(N)(N)(N)(N)(N)(N)(N)(N)(N)(N)(N)(N)(N)(N)
(N)(N)(N)(N)(N)(N)(N)(N)(N)(N)(N)(N)(N)(N)(N)(N)(N)(N)(N)(N)(N)(N)(N)(N)(N)(N)
(N)(N)(N)(N)(N)(N)(N)(N)(N)(N)(N)(N)(N)(N)(N)(N)(N)(N)(N)(N)(N)(N)(N)(N)(N)(N)
(N)(N)(N)(N)(N)(N)(N)(N)(N)(N)(N)(DG)(DA)(DA)(DT)(DA)(DA)
;
B
#
# COMPACT_ATOMS: atom_id res chain seq x y z
N THR A 1 41.34 -51.47 17.16
CA THR A 1 40.03 -51.17 16.52
C THR A 1 39.25 -50.13 17.31
N LYS A 2 38.63 -49.20 16.60
CA LYS A 2 37.80 -48.16 17.20
C LYS A 2 36.35 -48.56 17.04
N GLU A 3 35.73 -48.99 18.12
CA GLU A 3 34.36 -49.49 18.06
C GLU A 3 33.73 -49.29 19.43
N GLY A 4 32.43 -49.03 19.42
CA GLY A 4 31.70 -48.85 20.65
C GLY A 4 30.22 -49.06 20.43
N TYR A 5 29.54 -49.44 21.50
CA TYR A 5 28.11 -49.70 21.46
C TYR A 5 27.31 -48.46 21.82
N GLY A 6 26.14 -48.33 21.22
CA GLY A 6 25.25 -47.25 21.56
C GLY A 6 23.95 -47.37 20.80
N LYS A 7 23.01 -46.50 21.19
CA LYS A 7 21.72 -46.43 20.53
C LYS A 7 21.54 -45.05 19.92
N HIS A 8 20.90 -45.01 18.76
CA HIS A 8 20.85 -43.79 17.97
C HIS A 8 22.25 -43.21 17.88
N ILE A 9 23.19 -44.05 17.48
CA ILE A 9 24.59 -43.69 17.35
C ILE A 9 25.04 -43.96 15.93
N THR A 10 25.98 -43.15 15.46
CA THR A 10 26.41 -43.27 14.07
C THR A 10 27.83 -42.75 13.93
N SER A 11 28.53 -43.27 12.92
CA SER A 11 29.77 -42.66 12.51
C SER A 11 29.53 -41.17 12.25
N MET A 12 30.50 -40.36 12.62
CA MET A 12 30.27 -38.93 12.73
C MET A 12 30.53 -38.29 11.38
N HIS A 13 29.47 -37.80 10.75
CA HIS A 13 29.57 -37.07 9.51
C HIS A 13 29.59 -35.58 9.82
N VAL A 14 29.53 -34.76 8.77
CA VAL A 14 29.46 -33.31 8.96
C VAL A 14 28.18 -32.96 9.68
N ARG A 15 28.30 -32.25 10.79
CA ARG A 15 27.16 -31.66 11.49
C ARG A 15 27.50 -30.22 11.84
N ASN A 16 26.81 -29.29 11.20
CA ASN A 16 26.63 -27.95 11.72
C ASN A 16 25.14 -27.69 11.63
N ILE A 17 24.50 -27.56 12.80
CA ILE A 17 23.05 -27.55 12.88
C ILE A 17 22.48 -26.15 12.90
N PHE A 18 23.33 -25.13 12.92
CA PHE A 18 22.85 -23.79 12.62
C PHE A 18 22.50 -23.70 11.14
N ASN A 19 21.37 -23.07 10.82
CA ASN A 19 21.02 -22.88 9.43
C ASN A 19 21.97 -21.91 8.84
N GLN A 20 22.14 -21.92 7.52
CA GLN A 20 22.96 -20.91 6.87
C GLN A 20 22.05 -19.71 6.69
N GLY A 21 21.51 -19.18 7.78
CA GLY A 21 20.69 -18.00 7.72
C GLY A 21 19.53 -17.99 6.78
N ASN A 22 18.83 -19.11 6.64
CA ASN A 22 17.63 -19.15 5.81
C ASN A 22 16.53 -19.61 6.73
N GLN A 23 15.55 -18.74 6.95
CA GLN A 23 14.41 -19.09 7.79
C GLN A 23 13.39 -18.04 7.44
N VAL A 24 12.11 -18.39 7.52
CA VAL A 24 11.04 -17.49 7.11
C VAL A 24 9.90 -17.64 8.10
N ILE A 25 9.52 -16.54 8.72
CA ILE A 25 8.30 -16.44 9.49
C ILE A 25 7.29 -15.66 8.69
N ARG A 26 6.03 -16.01 8.85
CA ARG A 26 4.94 -15.39 8.14
C ARG A 26 3.89 -14.95 9.15
N ASN A 27 3.69 -13.64 9.28
CA ASN A 27 2.49 -13.09 9.87
C ASN A 27 1.73 -12.35 8.80
N ILE A 28 0.43 -12.23 8.99
CA ILE A 28 -0.37 -11.25 8.28
C ILE A 28 -0.69 -10.14 9.25
N VAL A 29 -0.21 -8.93 8.96
CA VAL A 29 -0.79 -7.75 9.59
C VAL A 29 -2.27 -7.72 9.26
N LYS A 30 -3.10 -7.67 10.29
CA LYS A 30 -4.54 -7.68 10.14
C LYS A 30 -5.06 -6.40 10.78
N GLN A 31 -5.69 -5.55 9.98
CA GLN A 31 -6.18 -4.30 10.48
C GLN A 31 -7.60 -3.97 10.02
N GLN A 32 -8.60 -4.74 10.49
CA GLN A 32 -10.00 -4.41 10.19
C GLN A 32 -10.22 -3.11 10.85
N ARG A 33 -10.99 -2.23 10.23
CA ARG A 33 -11.35 -0.99 10.87
C ARG A 33 -12.71 -0.56 10.46
N TYR A 34 -13.56 -0.25 11.41
CA TYR A 34 -14.85 0.31 11.06
C TYR A 34 -14.47 1.72 10.83
N GLU A 35 -14.96 2.33 9.77
CA GLU A 35 -14.72 3.74 9.55
C GLU A 35 -15.97 4.41 9.02
N LEU A 36 -15.93 5.74 9.05
CA LEU A 36 -16.93 6.58 8.43
C LEU A 36 -16.28 7.42 7.34
N LEU A 37 -17.03 7.63 6.29
CA LEU A 37 -16.70 8.60 5.25
C LEU A 37 -17.79 9.67 5.30
N ASP A 38 -17.43 10.87 5.74
CA ASP A 38 -18.39 11.95 5.87
C ASP A 38 -18.07 13.02 4.85
N PHE A 39 -18.95 13.19 3.87
CA PHE A 39 -18.90 14.29 2.94
C PHE A 39 -19.84 15.43 3.33
N THR A 40 -20.55 15.28 4.43
CA THR A 40 -21.53 16.27 4.87
C THR A 40 -20.89 17.49 5.51
N GLY A 41 -19.59 17.46 5.75
CA GLY A 41 -18.92 18.52 6.47
C GLY A 41 -18.21 19.50 5.56
N THR A 42 -17.87 20.64 6.16
CA THR A 42 -17.04 21.65 5.52
C THR A 42 -15.59 21.59 5.99
N GLU A 43 -15.28 20.71 6.93
CA GLU A 43 -14.01 20.75 7.65
C GLU A 43 -13.04 19.74 7.06
N ALA A 44 -11.93 20.26 6.51
CA ALA A 44 -10.80 19.42 6.15
C ALA A 44 -11.25 18.24 5.30
N GLY A 45 -11.07 17.03 5.81
CA GLY A 45 -11.34 15.84 5.03
C GLY A 45 -12.79 15.48 4.87
N THR A 46 -13.70 16.28 5.40
CA THR A 46 -15.12 16.07 5.23
C THR A 46 -15.62 17.10 4.22
N THR A 47 -15.97 16.63 3.03
CA THR A 47 -16.28 17.48 1.89
C THR A 47 -16.84 16.59 0.79
N ASN A 48 -17.16 17.21 -0.34
CA ASN A 48 -17.59 16.45 -1.50
C ASN A 48 -16.50 15.56 -2.06
N LEU A 49 -15.29 15.66 -1.55
CA LEU A 49 -14.10 15.20 -2.22
C LEU A 49 -13.86 13.70 -2.03
N PRO A 50 -13.24 13.06 -3.01
CA PRO A 50 -12.90 11.64 -2.86
C PRO A 50 -11.90 11.43 -1.74
N LYS A 51 -12.21 10.47 -0.89
CA LYS A 51 -11.33 10.10 0.20
C LYS A 51 -10.42 8.98 -0.26
N ILE A 52 -9.16 9.05 0.15
CA ILE A 52 -8.10 8.27 -0.50
C ILE A 52 -7.70 7.09 0.37
N ILE A 53 -7.30 6.02 -0.31
CA ILE A 53 -6.72 4.83 0.28
C ILE A 53 -5.25 4.78 -0.15
N PRO A 54 -4.31 5.10 0.71
CA PRO A 54 -2.90 5.21 0.30
C PRO A 54 -2.09 3.91 0.32
N TYR A 55 -2.58 2.89 -0.38
CA TYR A 55 -1.82 1.66 -0.44
C TYR A 55 -0.45 1.90 -1.03
N GLN A 56 -0.28 2.98 -1.77
CA GLN A 56 1.05 3.42 -2.16
C GLN A 56 1.93 3.61 -0.94
N CYS A 57 1.43 4.34 0.04
CA CYS A 57 2.06 4.43 1.34
C CYS A 57 1.89 3.11 2.07
N ILE A 58 2.32 3.06 3.31
CA ILE A 58 1.98 1.94 4.17
C ILE A 58 1.10 2.46 5.31
N TRP A 59 -0.20 2.26 5.17
CA TRP A 59 -1.16 2.38 6.26
C TRP A 59 -1.58 1.02 6.80
N TRP A 60 -1.07 -0.06 6.21
CA TRP A 60 -1.43 -1.39 6.64
C TRP A 60 -1.10 -1.64 8.11
N ARG A 61 -0.15 -0.89 8.67
CA ARG A 61 0.03 -0.85 10.12
C ARG A 61 -1.07 -0.07 10.81
N GLY A 62 -1.90 0.65 10.06
CA GLY A 62 -2.91 1.49 10.63
C GLY A 62 -2.37 2.67 11.42
N LEU A 63 -1.56 3.49 10.76
CA LEU A 63 -0.92 4.62 11.43
C LEU A 63 -1.88 5.76 11.73
N GLN A 64 -2.92 5.96 10.92
CA GLN A 64 -3.70 7.18 11.06
C GLN A 64 -4.20 7.40 12.48
N ASN A 65 -4.22 6.36 13.30
CA ASN A 65 -4.38 6.49 14.73
C ASN A 65 -3.48 5.46 15.38
N ALA A 66 -2.76 5.88 16.43
CA ALA A 66 -2.00 4.93 17.22
C ALA A 66 -2.91 3.98 17.96
N ALA A 67 -4.19 4.30 18.07
CA ALA A 67 -5.16 3.42 18.68
C ALA A 67 -5.34 2.13 17.91
N ASN A 68 -4.82 2.08 16.67
CA ASN A 68 -5.01 0.92 15.79
C ASN A 68 -3.75 0.09 15.76
N VAL A 69 -3.58 -0.74 16.77
CA VAL A 69 -2.47 -1.64 16.80
C VAL A 69 -3.11 -2.91 17.30
N ASN A 70 -2.69 -4.03 16.77
CA ASN A 70 -3.21 -5.31 17.18
C ASN A 70 -1.95 -6.09 17.27
N GLN A 71 -2.01 -7.27 17.84
CA GLN A 71 -0.81 -8.02 18.02
C GLN A 71 -0.23 -8.32 16.68
N THR A 72 -1.01 -8.33 15.62
CA THR A 72 -0.39 -8.57 14.35
C THR A 72 0.68 -7.52 14.10
N ILE A 73 0.43 -6.27 14.48
CA ILE A 73 1.47 -5.24 14.38
C ILE A 73 2.59 -5.58 15.35
N ASN A 74 2.23 -5.98 16.56
CA ASN A 74 3.23 -6.32 17.56
C ASN A 74 4.03 -7.52 17.16
N ASN A 75 3.38 -8.50 16.57
CA ASN A 75 4.04 -9.68 16.12
C ASN A 75 5.02 -9.17 15.11
N MET A 76 4.57 -8.31 14.21
CA MET A 76 5.43 -7.76 13.18
C MET A 76 6.66 -7.08 13.72
N ILE A 77 6.55 -6.33 14.81
CA ILE A 77 7.69 -5.57 15.29
C ILE A 77 8.73 -6.53 15.79
N ALA A 78 8.31 -7.55 16.53
CA ALA A 78 9.24 -8.49 17.10
C ALA A 78 9.97 -9.25 16.00
N LEU A 79 9.37 -9.47 14.85
CA LEU A 79 9.93 -10.12 13.68
C LEU A 79 10.88 -9.21 12.94
N ASN A 80 10.57 -7.91 12.90
CA ASN A 80 11.47 -6.94 12.32
C ASN A 80 12.72 -6.76 13.17
N THR A 81 12.69 -7.21 14.42
CA THR A 81 13.87 -7.16 15.28
C THR A 81 14.78 -8.34 15.03
N ILE A 82 14.19 -9.52 14.88
CA ILE A 82 14.93 -10.76 14.73
C ILE A 82 15.17 -11.07 13.25
N SER A 83 14.80 -10.15 12.37
CA SER A 83 14.91 -10.38 10.94
C SER A 83 15.90 -9.45 10.29
N TYR A 84 16.67 -10.02 9.36
CA TYR A 84 17.59 -9.25 8.55
C TYR A 84 16.94 -8.64 7.34
N GLY A 85 15.75 -9.10 6.99
CA GLY A 85 15.11 -8.66 5.78
C GLY A 85 13.72 -9.24 5.67
N VAL A 86 12.90 -8.60 4.85
CA VAL A 86 11.50 -8.96 4.73
C VAL A 86 11.03 -8.76 3.29
N ARG A 87 9.91 -9.39 2.99
CA ARG A 87 9.17 -9.19 1.75
C ARG A 87 7.70 -9.01 2.12
N PHE A 88 7.02 -8.09 1.43
CA PHE A 88 5.59 -8.01 1.55
C PHE A 88 5.04 -8.89 0.44
N LEU A 89 4.48 -10.03 0.83
CA LEU A 89 4.15 -11.06 -0.16
C LEU A 89 2.82 -10.77 -0.86
N LYS A 90 1.78 -10.48 -0.08
CA LYS A 90 0.49 -10.10 -0.64
C LYS A 90 -0.22 -9.16 0.32
N ALA A 91 -0.98 -8.25 -0.27
CA ALA A 91 -1.77 -7.27 0.47
C ALA A 91 -3.19 -7.31 -0.08
N LYS A 92 -4.13 -7.75 0.73
CA LYS A 92 -5.52 -7.84 0.32
C LYS A 92 -6.33 -6.87 1.16
N LEU A 93 -7.05 -6.01 0.46
CA LEU A 93 -7.93 -5.04 1.07
C LEU A 93 -9.37 -5.41 0.78
N CYS A 94 -10.21 -5.37 1.80
CA CYS A 94 -11.65 -5.61 1.61
C CYS A 94 -12.43 -4.52 2.31
N ILE A 95 -13.16 -3.75 1.52
CA ILE A 95 -14.11 -2.78 2.04
C ILE A 95 -15.43 -3.47 2.26
N GLU A 96 -16.08 -3.13 3.35
CA GLU A 96 -17.44 -3.57 3.63
C GLU A 96 -18.31 -2.37 3.90
N VAL A 97 -19.41 -2.26 3.15
CA VAL A 97 -20.32 -1.14 3.26
C VAL A 97 -21.53 -1.61 4.04
N TYR A 98 -21.65 -1.13 5.28
CA TYR A 98 -22.82 -1.40 6.08
C TYR A 98 -23.97 -0.47 5.74
N ALA A 99 -23.68 0.76 5.32
CA ALA A 99 -24.71 1.72 5.03
C ALA A 99 -24.26 2.69 3.96
N VAL A 100 -25.22 3.17 3.18
CA VAL A 100 -25.05 4.31 2.29
C VAL A 100 -26.07 5.34 2.74
N THR A 101 -25.60 6.46 3.26
CA THR A 101 -26.48 7.43 3.89
C THR A 101 -26.20 8.83 3.36
N ARG A 102 -27.12 9.36 2.57
CA ARG A 102 -27.09 10.77 2.20
C ARG A 102 -27.81 11.61 3.23
N LYS A 103 -27.44 12.89 3.25
CA LYS A 103 -28.17 13.89 4.00
C LYS A 103 -29.23 14.47 3.09
N ARG A 104 -30.49 14.17 3.39
CA ARG A 104 -31.61 14.71 2.62
C ARG A 104 -31.86 16.13 3.08
N LEU A 105 -31.80 17.07 2.14
CA LEU A 105 -31.94 18.48 2.43
C LEU A 105 -33.28 18.94 1.88
N ILE A 106 -34.20 19.27 2.78
CA ILE A 106 -35.51 19.79 2.41
C ILE A 106 -35.46 21.30 2.61
N GLN A 107 -35.58 22.05 1.52
CA GLN A 107 -35.40 23.49 1.55
C GLN A 107 -36.67 24.18 1.05
N THR A 108 -37.40 24.82 1.96
CA THR A 108 -38.21 25.96 1.61
C THR A 108 -37.32 27.19 1.49
N GLY A 109 -37.83 28.21 0.82
CA GLY A 109 -37.09 29.45 0.73
C GLY A 109 -36.66 29.96 2.09
N ALA A 110 -35.37 30.26 2.22
CA ALA A 110 -34.79 30.85 3.43
C ALA A 110 -34.87 29.91 4.63
N THR A 111 -34.99 28.61 4.41
CA THR A 111 -34.89 27.65 5.50
C THR A 111 -34.55 26.28 4.92
N SER A 112 -33.97 25.43 5.75
CA SER A 112 -33.61 24.09 5.33
C SER A 112 -33.83 23.11 6.46
N TYR A 113 -34.49 22.01 6.16
CA TYR A 113 -34.66 20.90 7.08
C TYR A 113 -33.71 19.78 6.69
N TYR A 114 -32.91 19.32 7.63
CA TYR A 114 -31.87 18.33 7.38
C TYR A 114 -32.26 17.00 8.00
N THR A 115 -32.12 15.92 7.23
CA THR A 115 -32.21 14.57 7.77
C THR A 115 -31.34 13.66 6.94
N ASP A 116 -30.72 12.69 7.60
CA ASP A 116 -29.98 11.64 6.92
C ASP A 116 -30.92 10.48 6.60
N ASP A 117 -30.79 9.95 5.39
CA ASP A 117 -31.68 8.89 4.94
C ASP A 117 -30.91 7.85 4.15
N PHE A 118 -31.24 6.59 4.41
CA PHE A 118 -30.58 5.48 3.73
C PHE A 118 -30.91 5.46 2.25
N GLU A 119 -29.87 5.34 1.44
CA GLU A 119 -30.02 5.08 0.01
C GLU A 119 -29.42 3.71 -0.26
N GLN A 120 -30.26 2.71 -0.47
CA GLN A 120 -29.80 1.41 -0.92
C GLN A 120 -29.79 1.30 -2.43
N GLY A 121 -30.20 2.35 -3.13
CA GLY A 121 -30.06 2.44 -4.56
C GLY A 121 -28.79 3.11 -4.98
N GLN A 122 -28.02 3.62 -4.03
CA GLN A 122 -26.73 4.21 -4.31
C GLN A 122 -25.63 3.38 -3.67
N ASN A 123 -24.40 3.78 -3.92
CA ASN A 123 -23.29 2.96 -3.50
C ASN A 123 -22.00 3.77 -3.46
N LEU A 124 -21.05 3.27 -2.68
CA LEU A 124 -19.74 3.91 -2.61
C LEU A 124 -18.96 3.61 -3.86
N PHE A 125 -18.45 4.66 -4.48
CA PHE A 125 -17.58 4.51 -5.63
C PHE A 125 -16.15 4.33 -5.14
N ILE A 126 -15.54 3.22 -5.53
CA ILE A 126 -14.13 3.01 -5.32
C ILE A 126 -13.49 3.36 -6.65
N GLY A 127 -12.84 4.51 -6.69
CA GLY A 127 -12.25 4.99 -7.91
C GLY A 127 -10.84 4.47 -8.09
N TRP A 128 -10.51 4.23 -9.35
CA TRP A 128 -9.16 4.00 -9.78
C TRP A 128 -8.81 5.09 -10.76
N ALA A 129 -7.65 5.69 -10.60
CA ALA A 129 -7.17 6.63 -11.60
C ALA A 129 -6.22 5.82 -12.45
N ASP A 130 -6.74 5.34 -13.57
CA ASP A 130 -5.95 4.57 -14.50
C ASP A 130 -5.58 5.36 -15.74
N ARG A 131 -6.15 6.55 -15.95
CA ARG A 131 -5.78 7.36 -17.09
C ARG A 131 -4.84 8.49 -16.76
N LYS A 132 -4.65 8.81 -15.48
CA LYS A 132 -4.06 10.09 -15.11
C LYS A 132 -2.97 9.91 -14.07
N ALA A 133 -1.93 10.73 -14.20
CA ALA A 133 -0.83 10.76 -13.25
C ALA A 133 -1.23 11.60 -12.05
N GLU A 134 -1.19 11.00 -10.87
CA GLU A 134 -1.72 11.63 -9.67
C GLU A 134 -0.86 11.21 -8.48
N SER A 135 -0.99 11.97 -7.41
CA SER A 135 -0.18 11.77 -6.22
C SER A 135 -1.04 11.96 -4.98
N ILE A 136 -0.70 11.23 -3.93
CA ILE A 136 -1.26 11.49 -2.62
C ILE A 136 -0.28 12.40 -1.89
N PRO A 137 -0.70 13.57 -1.41
CA PRO A 137 0.13 14.30 -0.46
C PRO A 137 0.14 13.59 0.89
N ILE A 138 1.32 13.45 1.46
CA ILE A 138 1.49 12.83 2.76
C ILE A 138 2.34 13.73 3.63
N THR A 139 1.90 13.90 4.87
CA THR A 139 2.61 14.74 5.82
C THR A 139 2.85 13.97 7.10
N THR A 140 1.77 13.57 7.76
CA THR A 140 1.81 12.90 9.04
C THR A 140 1.19 11.52 8.92
N PRO A 141 1.50 10.63 9.86
CA PRO A 141 0.85 9.32 9.83
C PRO A 141 -0.65 9.43 9.90
N ALA A 142 -1.15 10.51 10.49
CA ALA A 142 -2.57 10.81 10.48
C ALA A 142 -3.01 11.36 9.14
N ASP A 143 -2.18 12.17 8.51
CA ASP A 143 -2.54 12.76 7.22
C ASP A 143 -2.98 11.69 6.26
N LEU A 144 -2.47 10.48 6.43
CA LEU A 144 -2.93 9.35 5.64
C LEU A 144 -4.00 8.63 6.45
N ASP A 145 -5.23 8.80 6.01
CA ASP A 145 -6.38 8.12 6.60
C ASP A 145 -7.38 7.89 5.49
N GLU A 146 -8.04 6.74 5.54
CA GLU A 146 -9.01 6.41 4.51
C GLU A 146 -10.12 7.43 4.45
N THR A 147 -10.21 8.32 5.43
CA THR A 147 -11.34 9.21 5.60
C THR A 147 -10.95 10.65 5.35
N LYS A 148 -10.11 11.20 6.21
CA LYS A 148 -9.84 12.63 6.20
C LYS A 148 -8.84 13.03 5.13
N LEU A 149 -8.32 12.08 4.38
CA LEU A 149 -7.30 12.34 3.37
C LEU A 149 -7.95 12.70 2.05
N THR A 150 -7.51 13.81 1.47
CA THR A 150 -8.15 14.33 0.27
C THR A 150 -7.14 15.17 -0.50
N VAL A 151 -7.49 15.45 -1.74
CA VAL A 151 -6.77 16.39 -2.59
C VAL A 151 -7.81 17.32 -3.20
N ALA A 152 -7.50 18.60 -3.23
CA ALA A 152 -8.48 19.58 -3.63
C ALA A 152 -8.75 19.52 -5.13
N ASN A 153 -9.94 19.96 -5.51
CA ASN A 153 -10.34 20.01 -6.90
C ASN A 153 -10.27 18.65 -7.55
N THR A 154 -10.52 17.62 -6.74
CA THR A 154 -10.49 16.24 -7.18
C THR A 154 -11.89 15.65 -7.08
N THR A 155 -12.32 15.05 -8.18
CA THR A 155 -13.63 14.44 -8.26
C THR A 155 -13.55 13.20 -9.11
N LEU A 156 -14.17 12.13 -8.64
CA LEU A 156 -14.29 10.96 -9.47
C LEU A 156 -15.14 11.21 -10.70
N PHE A 157 -15.81 12.35 -10.77
CA PHE A 157 -16.65 12.70 -11.92
C PHE A 157 -16.25 14.06 -12.45
N ASP A 158 -15.71 14.07 -13.66
CA ASP A 158 -15.43 15.30 -14.38
C ASP A 158 -16.51 15.51 -15.43
N ALA A 159 -16.90 16.77 -15.61
CA ALA A 159 -17.90 17.07 -16.62
C ALA A 159 -17.41 16.78 -18.03
N ASN A 160 -16.12 16.47 -18.17
CA ASN A 160 -15.46 16.51 -19.47
C ASN A 160 -14.86 15.16 -19.82
N ASN A 161 -13.78 14.76 -19.18
CA ASN A 161 -13.18 13.46 -19.39
C ASN A 161 -13.18 12.77 -18.03
N ASP A 162 -13.94 11.70 -17.90
CA ASP A 162 -14.00 10.99 -16.63
C ASP A 162 -12.89 9.96 -16.68
N ASN A 163 -11.84 10.22 -15.90
CA ASN A 163 -10.59 9.51 -16.01
C ASN A 163 -10.52 8.35 -15.03
N ILE A 164 -11.63 8.07 -14.37
CA ILE A 164 -11.67 7.15 -13.25
C ILE A 164 -12.34 5.86 -13.69
N THR A 165 -11.69 4.74 -13.44
CA THR A 165 -12.35 3.45 -13.51
C THR A 165 -12.88 3.17 -12.12
N LYS A 166 -14.19 3.08 -12.00
CA LYS A 166 -14.82 2.96 -10.70
C LYS A 166 -15.29 1.55 -10.43
N GLU A 167 -15.28 1.21 -9.15
CA GLU A 167 -15.85 -0.03 -8.64
C GLU A 167 -16.79 0.42 -7.53
N GLU A 168 -18.10 0.27 -7.72
CA GLU A 168 -19.08 0.81 -6.79
C GLU A 168 -19.70 -0.32 -5.98
N VAL A 169 -19.78 -0.13 -4.66
CA VAL A 169 -20.27 -1.14 -3.73
C VAL A 169 -21.55 -0.65 -3.06
N PRO A 170 -22.64 -1.38 -3.15
CA PRO A 170 -23.83 -1.00 -2.39
C PRO A 170 -23.83 -1.60 -0.99
N THR A 171 -24.86 -1.31 -0.22
CA THR A 171 -24.94 -1.83 1.13
C THR A 171 -25.07 -3.35 1.10
N ARG A 172 -24.31 -4.01 1.96
CA ARG A 172 -24.21 -5.47 2.00
C ARG A 172 -23.47 -6.03 0.79
N GLU A 173 -22.60 -5.22 0.19
CA GLU A 173 -21.62 -5.70 -0.78
C GLU A 173 -20.28 -5.12 -0.41
N LYS A 174 -19.23 -5.88 -0.69
CA LYS A 174 -17.87 -5.56 -0.28
C LYS A 174 -16.98 -5.39 -1.49
N TRP A 175 -16.05 -4.45 -1.40
CA TRP A 175 -15.01 -4.29 -2.40
C TRP A 175 -13.75 -4.92 -1.85
N CYS A 176 -13.38 -6.07 -2.39
CA CYS A 176 -12.13 -6.71 -2.03
C CYS A 176 -11.19 -6.59 -3.20
N HIS A 177 -9.96 -6.18 -2.91
CA HIS A 177 -8.92 -6.07 -3.93
C HIS A 177 -7.61 -6.55 -3.32
N THR A 178 -6.88 -7.36 -4.08
CA THR A 178 -5.63 -7.92 -3.60
C THR A 178 -4.48 -7.37 -4.43
N TRP A 179 -3.43 -6.96 -3.75
CA TRP A 179 -2.17 -6.57 -4.36
C TRP A 179 -1.13 -7.62 -4.01
N ASP A 180 -0.35 -8.03 -5.00
CA ASP A 180 0.79 -8.89 -4.74
C ASP A 180 2.00 -7.99 -4.58
N LEU A 181 2.50 -7.88 -3.36
CA LEU A 181 3.58 -6.97 -3.05
C LEU A 181 4.93 -7.60 -3.21
N ASP A 182 5.00 -8.81 -3.73
CA ASP A 182 6.29 -9.39 -4.04
C ASP A 182 6.59 -8.98 -5.46
N VAL A 183 7.45 -7.98 -5.58
CA VAL A 183 7.94 -7.45 -6.83
C VAL A 183 9.30 -7.98 -7.18
N LEU A 184 9.84 -8.82 -6.31
CA LEU A 184 11.27 -8.88 -6.07
C LEU A 184 11.80 -10.24 -6.47
N ASN A 185 12.90 -10.23 -7.21
CA ASN A 185 13.46 -11.42 -7.80
C ASN A 185 14.89 -11.62 -7.33
N HIS A 186 15.40 -12.82 -7.56
CA HIS A 186 16.81 -13.15 -7.38
C HIS A 186 17.24 -13.11 -5.92
N ASN A 187 16.43 -13.72 -5.06
CA ASN A 187 16.85 -14.01 -3.69
C ASN A 187 17.19 -12.74 -2.94
N TYR A 188 16.27 -11.79 -2.96
CA TYR A 188 16.41 -10.55 -2.22
C TYR A 188 15.24 -10.35 -1.27
N LEU A 189 15.37 -9.32 -0.46
CA LEU A 189 14.35 -8.96 0.50
C LEU A 189 14.40 -7.46 0.71
N TRP A 190 13.33 -6.93 1.28
CA TRP A 190 13.35 -5.58 1.79
C TRP A 190 13.90 -5.59 3.20
N GLU A 191 14.54 -4.49 3.58
CA GLU A 191 15.06 -4.39 4.93
C GLU A 191 13.98 -4.72 5.94
N PRO A 192 14.35 -5.24 7.10
CA PRO A 192 13.37 -5.35 8.18
C PRO A 192 12.98 -3.95 8.63
N ASN A 193 11.67 -3.73 8.74
CA ASN A 193 11.16 -2.40 8.94
C ASN A 193 9.99 -2.41 9.89
N ASN A 194 10.05 -1.55 10.90
CA ASN A 194 8.86 -1.18 11.65
C ASN A 194 8.22 0.00 10.94
N LEU A 195 6.95 -0.13 10.61
CA LEU A 195 6.29 0.74 9.66
C LEU A 195 5.90 2.07 10.26
N ASP A 196 6.33 2.35 11.49
CA ASP A 196 6.03 3.60 12.18
C ASP A 196 6.27 4.78 11.24
N SER A 197 7.24 4.61 10.35
CA SER A 197 7.63 5.67 9.44
C SER A 197 6.64 5.74 8.28
N GLN A 198 5.98 6.89 8.16
CA GLN A 198 5.17 7.17 6.98
C GLN A 198 6.12 7.65 5.90
N TRP A 199 5.55 8.21 4.84
CA TRP A 199 6.27 8.54 3.63
C TRP A 199 7.11 7.35 3.20
N THR A 200 6.61 6.16 3.52
CA THR A 200 7.27 4.91 3.23
C THR A 200 6.31 4.05 2.43
N LEU A 201 6.82 3.44 1.37
CA LEU A 201 5.98 2.99 0.28
C LEU A 201 6.00 1.49 0.16
N ILE A 202 4.92 0.96 -0.42
CA ILE A 202 4.80 -0.48 -0.57
C ILE A 202 5.76 -0.97 -1.63
N PRO A 203 6.18 -2.21 -1.55
CA PRO A 203 7.14 -2.71 -2.52
C PRO A 203 6.67 -2.50 -3.94
N GLY A 204 7.53 -1.85 -4.72
CA GLY A 204 7.21 -1.58 -6.11
C GLY A 204 8.48 -1.15 -6.81
N ALA A 205 8.52 -1.44 -8.10
CA ALA A 205 9.58 -0.99 -8.98
C ALA A 205 9.22 0.30 -9.67
N GLN A 206 8.14 0.94 -9.24
CA GLN A 206 7.66 2.14 -9.91
C GLN A 206 8.79 3.14 -10.09
N ALA A 207 8.81 3.78 -11.25
CA ALA A 207 10.00 4.49 -11.69
C ALA A 207 9.95 5.99 -11.44
N VAL A 208 8.84 6.52 -10.93
CA VAL A 208 8.64 7.96 -10.86
C VAL A 208 8.89 8.42 -9.44
N GLN A 209 9.98 9.14 -9.24
CA GLN A 209 10.25 9.74 -7.94
C GLN A 209 10.31 11.25 -8.05
N PRO A 210 9.88 11.96 -7.02
CA PRO A 210 10.10 13.40 -6.98
C PRO A 210 11.58 13.76 -6.93
N THR A 211 11.89 14.96 -7.40
CA THR A 211 13.22 15.51 -7.22
C THR A 211 13.46 15.89 -5.78
N ALA A 212 12.38 16.22 -5.05
CA ALA A 212 12.52 16.72 -3.69
C ALA A 212 12.81 15.61 -2.71
N THR A 213 12.11 14.49 -2.84
CA THR A 213 12.29 13.34 -1.96
C THR A 213 12.55 12.10 -2.80
N PRO A 214 13.76 11.97 -3.34
CA PRO A 214 14.08 10.82 -4.18
C PRO A 214 13.90 9.51 -3.42
N ILE A 215 13.19 8.58 -4.05
CA ILE A 215 13.00 7.27 -3.43
C ILE A 215 14.23 6.40 -3.63
N GLY A 216 14.82 6.48 -4.81
CA GLY A 216 16.11 5.88 -5.03
C GLY A 216 16.08 4.61 -5.84
N PRO A 217 17.23 3.94 -5.90
CA PRO A 217 17.35 2.75 -6.77
C PRO A 217 16.35 1.68 -6.44
N THR A 218 16.13 1.43 -5.15
CA THR A 218 15.15 0.44 -4.74
C THR A 218 13.82 0.67 -5.42
N TYR A 219 13.54 1.90 -5.81
CA TYR A 219 12.27 2.24 -6.41
C TYR A 219 12.25 1.95 -7.91
N GLN A 220 13.37 2.15 -8.59
CA GLN A 220 13.46 1.78 -9.99
C GLN A 220 13.58 0.27 -10.15
N GLU A 221 13.35 -0.19 -11.38
CA GLU A 221 13.30 -1.62 -11.64
C GLU A 221 14.62 -2.29 -11.33
N ILE A 222 15.71 -1.73 -11.83
CA ILE A 222 17.05 -2.25 -11.56
C ILE A 222 17.59 -1.47 -10.39
N VAL A 223 17.79 -2.15 -9.27
CA VAL A 223 18.24 -1.52 -8.05
C VAL A 223 19.75 -1.52 -8.03
N ILE A 224 20.33 -0.35 -7.80
CA ILE A 224 21.74 -0.24 -7.49
C ILE A 224 21.85 0.70 -6.30
N ALA A 225 22.29 0.16 -5.17
CA ALA A 225 22.35 0.89 -3.93
C ALA A 225 23.55 0.43 -3.14
N THR A 226 23.92 1.23 -2.15
CA THR A 226 25.01 0.88 -1.25
C THR A 226 24.49 0.88 0.18
N LYS A 227 24.53 -0.28 0.81
CA LYS A 227 24.23 -0.41 2.21
C LYS A 227 25.53 -0.38 3.00
N ALA A 228 25.48 0.25 4.17
CA ALA A 228 26.69 0.64 4.87
C ALA A 228 27.43 -0.57 5.43
N ILE A 229 26.76 -1.39 6.23
CA ILE A 229 27.46 -2.42 6.99
C ILE A 229 28.54 -1.75 7.82
N GLY A 230 28.16 -0.76 8.61
CA GLY A 230 29.18 -0.08 9.35
C GLY A 230 30.12 0.69 8.43
N ALA A 231 31.22 1.15 9.01
CA ALA A 231 32.17 1.99 8.29
C ALA A 231 33.11 1.16 7.42
N ASN A 232 33.54 0.01 7.93
CA ASN A 232 34.65 -0.70 7.31
C ASN A 232 34.22 -1.49 6.08
N GLU A 233 32.93 -1.74 5.91
CA GLU A 233 32.44 -2.57 4.83
C GLU A 233 31.31 -1.86 4.09
N SER A 234 30.93 -2.44 2.97
CA SER A 234 29.80 -1.96 2.19
C SER A 234 29.18 -3.13 1.44
N ALA A 235 27.94 -2.95 0.99
CA ALA A 235 27.27 -3.92 0.15
C ALA A 235 26.57 -3.20 -1.00
N LEU A 236 26.96 -3.63 -2.21
CA LEU A 236 26.43 -3.02 -3.40
C LEU A 236 25.31 -3.91 -3.70
N VAL A 237 24.30 -3.79 -2.87
CA VAL A 237 23.13 -4.58 -3.04
C VAL A 237 22.67 -4.21 -4.43
N THR A 238 22.38 -5.18 -5.28
CA THR A 238 22.08 -4.88 -6.68
C THR A 238 21.16 -5.93 -7.31
N THR A 239 19.89 -5.60 -7.57
CA THR A 239 18.88 -6.55 -8.03
C THR A 239 18.10 -5.96 -9.20
N ILE A 240 17.33 -6.83 -9.83
CA ILE A 240 16.32 -6.45 -10.80
C ILE A 240 14.98 -6.90 -10.26
N GLN A 241 13.93 -6.16 -10.61
CA GLN A 241 12.61 -6.49 -10.12
C GLN A 241 11.57 -6.00 -11.10
N ASP A 242 10.39 -6.60 -11.04
CA ASP A 242 9.35 -6.30 -12.00
C ASP A 242 8.60 -5.04 -11.60
N ARG A 243 8.21 -4.27 -12.61
CA ARG A 243 7.64 -2.96 -12.40
C ARG A 243 6.17 -3.04 -12.02
N ARG A 244 5.80 -2.29 -10.99
CA ARG A 244 4.43 -2.22 -10.52
C ARG A 244 3.96 -0.78 -10.61
N SER A 245 3.09 -0.52 -11.55
CA SER A 245 2.28 0.70 -11.53
C SER A 245 1.27 0.57 -10.41
N TYR A 246 1.27 1.52 -9.50
CA TYR A 246 0.23 1.55 -8.48
C TYR A 246 -0.63 2.79 -8.71
N PRO A 247 -1.82 2.64 -9.27
CA PRO A 247 -2.70 3.79 -9.46
C PRO A 247 -3.05 4.45 -8.14
N ARG A 248 -3.90 5.46 -8.21
CA ARG A 248 -4.47 6.06 -7.02
C ARG A 248 -5.85 5.47 -6.78
N LEU A 249 -6.17 5.26 -5.51
CA LEU A 249 -7.44 4.69 -5.11
C LEU A 249 -8.17 5.70 -4.23
N MET A 250 -9.49 5.73 -4.36
CA MET A 250 -10.32 6.71 -3.71
C MET A 250 -11.65 6.11 -3.32
N LEU A 251 -12.22 6.62 -2.24
CA LEU A 251 -13.59 6.32 -1.85
C LEU A 251 -14.37 7.62 -1.93
N SER A 252 -15.25 7.72 -2.92
CA SER A 252 -16.04 8.92 -3.11
C SER A 252 -17.50 8.56 -3.28
N GLN A 253 -18.33 9.57 -3.20
CA GLN A 253 -19.77 9.47 -3.39
C GLN A 253 -20.16 9.74 -4.84
N PRO A 254 -21.36 9.33 -5.21
CA PRO A 254 -22.01 9.94 -6.36
C PRO A 254 -22.01 11.45 -6.26
N GLN A 255 -21.74 12.10 -7.38
CA GLN A 255 -21.94 13.52 -7.52
C GLN A 255 -23.33 13.73 -8.09
N ILE A 256 -24.24 14.25 -7.28
CA ILE A 256 -25.59 14.55 -7.71
C ILE A 256 -25.87 16.00 -7.36
N LYS A 257 -26.04 16.82 -8.38
CA LYS A 257 -26.45 18.19 -8.15
C LYS A 257 -27.82 18.19 -7.48
N ASP A 258 -27.91 18.89 -6.37
CA ASP A 258 -29.18 19.14 -5.71
C ASP A 258 -29.58 20.57 -6.08
N GLU A 259 -30.68 21.07 -5.49
CA GLU A 259 -30.97 22.48 -5.65
C GLU A 259 -29.79 23.34 -5.23
N THR A 260 -29.11 22.95 -4.16
CA THR A 260 -27.89 23.60 -3.71
C THR A 260 -26.75 22.61 -3.82
N ASP A 261 -25.89 22.83 -4.80
CA ASP A 261 -24.66 22.07 -5.01
C ASP A 261 -24.97 20.58 -5.02
N THR A 262 -24.07 19.77 -4.46
CA THR A 262 -24.18 18.33 -4.49
C THR A 262 -25.02 17.80 -3.34
N MET A 263 -25.59 16.62 -3.56
CA MET A 263 -26.03 15.82 -2.43
C MET A 263 -24.82 15.34 -1.63
N LYS A 264 -25.03 15.20 -0.34
CA LYS A 264 -23.96 14.82 0.57
C LYS A 264 -24.22 13.41 1.06
N PHE A 265 -23.30 12.51 0.75
CA PHE A 265 -23.40 11.12 1.17
C PHE A 265 -22.31 10.83 2.19
N LYS A 266 -22.66 10.01 3.17
CA LYS A 266 -21.67 9.53 4.11
C LYS A 266 -21.88 8.05 4.34
N TYR A 267 -20.82 7.30 4.09
CA TYR A 267 -20.85 5.84 4.07
C TYR A 267 -20.38 5.27 5.39
N GLN A 268 -21.23 4.48 6.02
CA GLN A 268 -20.78 3.56 7.05
C GLN A 268 -20.17 2.34 6.39
N ILE A 269 -18.92 2.06 6.69
CA ILE A 269 -18.20 0.96 6.08
C ILE A 269 -17.28 0.36 7.11
N ARG A 270 -16.82 -0.85 6.83
CA ARG A 270 -15.64 -1.38 7.49
C ARG A 270 -14.64 -1.71 6.40
N ILE A 271 -13.56 -0.95 6.34
CA ILE A 271 -12.40 -1.38 5.61
C ILE A 271 -11.81 -2.58 6.33
N SER A 272 -11.28 -3.53 5.58
CA SER A 272 -10.55 -4.65 6.17
C SER A 272 -9.29 -4.83 5.35
N THR A 273 -8.15 -4.60 5.97
CA THR A 273 -6.88 -4.56 5.28
C THR A 273 -5.96 -5.54 5.99
N GLU A 274 -5.58 -6.61 5.29
CA GLU A 274 -4.67 -7.61 5.84
C GLU A 274 -3.55 -7.85 4.85
N LEU A 275 -2.34 -8.03 5.38
CA LEU A 275 -1.11 -7.91 4.60
C LEU A 275 -0.20 -9.11 4.87
N GLU A 276 0.00 -9.94 3.84
CA GLU A 276 0.87 -11.09 3.99
C GLU A 276 2.32 -10.68 3.90
N MET A 277 3.12 -11.17 4.83
CA MET A 277 4.55 -10.93 4.88
C MET A 277 5.26 -12.18 5.31
N GLU A 278 6.29 -12.55 4.57
CA GLU A 278 7.26 -13.52 5.07
C GLU A 278 8.38 -12.74 5.72
N HIS A 279 8.50 -12.73 7.03
CA HIS A 279 9.63 -12.08 7.71
C HIS A 279 10.79 -13.00 7.74
N HIS A 280 11.78 -12.81 6.90
CA HIS A 280 12.86 -13.79 6.91
C HIS A 280 13.71 -13.48 8.10
N ILE A 281 13.66 -14.34 9.11
CA ILE A 281 14.37 -14.05 10.36
C ILE A 281 15.88 -14.20 10.31
N LYS A 282 16.58 -13.60 11.26
CA LYS A 282 18.04 -13.55 11.24
C LYS A 282 18.79 -14.83 11.20
N PRO A 283 20.07 -14.75 10.75
CA PRO A 283 20.82 -16.00 10.88
C PRO A 283 20.98 -16.35 12.35
N ASP A 284 21.40 -17.58 12.57
CA ASP A 284 21.77 -18.03 13.89
C ASP A 284 23.11 -17.47 14.32
N ILE A 285 23.78 -16.71 13.47
CA ILE A 285 25.10 -16.15 13.72
C ILE A 285 25.17 -14.81 13.01
N ALA A 286 25.80 -13.83 13.63
CA ALA A 286 25.79 -12.49 13.07
C ALA A 286 26.38 -12.47 11.66
N ASN A 287 25.65 -11.85 10.73
CA ASN A 287 26.17 -11.55 9.39
C ASN A 287 25.76 -10.15 9.01
N PRO A 288 26.45 -9.15 9.51
CA PRO A 288 26.22 -7.79 9.04
C PRO A 288 26.40 -7.68 7.55
N TRP A 289 27.16 -8.63 7.00
CA TRP A 289 27.40 -8.72 5.57
C TRP A 289 26.25 -9.40 4.84
N LEU A 290 25.19 -9.76 5.56
CA LEU A 290 24.05 -10.42 4.95
C LEU A 290 23.09 -9.44 4.30
N THR A 291 23.27 -8.14 4.49
CA THR A 291 22.40 -7.16 3.87
C THR A 291 22.51 -7.18 2.35
N ARG A 292 23.43 -7.97 1.81
CA ARG A 292 23.59 -8.11 0.37
C ARG A 292 22.24 -8.29 -0.31
N GLN A 293 21.44 -9.23 0.18
CA GLN A 293 20.16 -9.50 -0.45
C GLN A 293 19.01 -8.74 0.20
N THR A 294 19.31 -7.82 1.12
CA THR A 294 18.33 -6.89 1.64
C THR A 294 18.36 -5.58 0.87
N LEU A 295 17.17 -5.02 0.66
CA LEU A 295 16.98 -3.70 0.10
C LEU A 295 16.19 -2.83 1.07
N PRO A 296 16.49 -1.53 1.11
CA PRO A 296 15.60 -0.60 1.82
C PRO A 296 14.34 -0.33 1.01
N LEU A 297 13.28 0.01 1.74
CA LEU A 297 12.02 0.23 1.07
C LEU A 297 12.06 1.44 0.16
N PRO A 298 11.11 1.59 -0.60
CA PRO A 298 10.94 2.81 -1.38
C PRO A 298 10.41 3.96 -0.52
N ALA A 299 11.09 4.21 0.59
CA ALA A 299 10.73 5.34 1.42
C ALA A 299 11.25 6.64 0.83
N LEU A 300 10.40 7.65 0.85
CA LEU A 300 10.80 9.00 0.50
C LEU A 300 11.80 9.55 1.50
N SER A 301 12.88 10.15 1.00
CA SER A 301 13.91 10.74 1.83
C SER A 301 13.98 12.23 1.53
N GLY A 302 13.96 13.04 2.58
CA GLY A 302 14.03 14.47 2.39
C GLY A 302 13.58 15.19 3.63
N ASP A 303 13.82 16.49 3.63
CA ASP A 303 13.41 17.36 4.71
C ASP A 303 11.95 17.80 4.58
N GLY A 304 11.35 17.58 3.42
CA GLY A 304 10.01 18.07 3.15
C GLY A 304 8.98 17.57 4.13
N THR A 305 8.27 18.48 4.78
CA THR A 305 7.24 18.08 5.72
C THR A 305 6.11 17.36 4.99
N THR A 306 5.73 17.89 3.83
CA THR A 306 4.73 17.26 3.00
C THR A 306 5.42 16.61 1.81
N ARG A 307 5.01 15.39 1.50
CA ARG A 307 5.64 14.62 0.44
C ARG A 307 4.55 13.98 -0.41
N TYR A 308 4.70 14.10 -1.73
CA TYR A 308 3.72 13.61 -2.67
C TYR A 308 4.15 12.23 -3.13
N VAL A 309 3.42 11.20 -2.73
CA VAL A 309 3.78 9.82 -3.06
C VAL A 309 3.18 9.49 -4.42
N PRO A 310 3.97 9.04 -5.37
CA PRO A 310 3.51 8.98 -6.76
C PRO A 310 2.62 7.79 -7.05
N CYS A 311 1.64 8.03 -7.91
CA CYS A 311 0.77 7.00 -8.45
C CYS A 311 0.76 7.13 -9.96
N VAL A 312 1.30 6.13 -10.64
CA VAL A 312 1.29 6.13 -12.10
C VAL A 312 0.31 5.05 -12.53
N PRO A 313 -0.72 5.38 -13.30
CA PRO A 313 -1.82 4.42 -13.47
C PRO A 313 -1.42 3.09 -14.07
N TYR A 314 -0.64 3.09 -15.15
CA TYR A 314 -0.51 1.89 -15.93
C TYR A 314 0.89 1.76 -16.50
N GLU A 315 1.28 0.52 -16.71
CA GLU A 315 2.50 0.17 -17.43
C GLU A 315 2.09 -0.35 -18.79
N THR A 316 2.36 0.44 -19.81
CA THR A 316 1.93 0.10 -21.16
C THR A 316 2.62 -1.17 -21.63
N HIS A 317 1.90 -1.97 -22.41
CA HIS A 317 2.51 -3.13 -23.02
C HIS A 317 3.03 -2.75 -24.40
N VAL A 318 4.28 -3.07 -24.63
CA VAL A 318 4.90 -2.91 -25.94
C VAL A 318 5.37 -4.27 -26.40
N SER A 319 5.57 -4.40 -27.69
CA SER A 319 5.87 -5.68 -28.29
C SER A 319 7.35 -5.79 -28.67
N GLN A 320 7.88 -6.98 -28.48
CA GLN A 320 9.10 -7.40 -29.15
C GLN A 320 8.80 -8.08 -30.48
N ARG A 321 7.53 -8.10 -30.89
CA ARG A 321 7.11 -8.79 -32.10
C ARG A 321 7.25 -7.87 -33.30
N ASN A 322 7.65 -8.45 -34.42
CA ASN A 322 7.62 -7.71 -35.68
C ASN A 322 6.18 -7.67 -36.20
N TRP A 323 6.00 -7.07 -37.37
CA TRP A 323 4.66 -6.77 -37.81
C TRP A 323 4.02 -7.95 -38.53
N ASN A 324 2.73 -7.79 -38.81
CA ASN A 324 1.93 -8.75 -39.54
C ASN A 324 0.79 -7.97 -40.18
N HIS A 325 0.40 -8.38 -41.38
CA HIS A 325 -0.61 -7.68 -42.15
C HIS A 325 -0.15 -6.27 -42.55
N VAL A 326 1.15 -6.05 -42.59
CA VAL A 326 1.70 -4.82 -43.15
C VAL A 326 1.75 -4.95 -44.66
N GLY A 327 1.15 -3.99 -45.36
CA GLY A 327 0.96 -4.14 -46.80
C GLY A 327 2.24 -4.02 -47.58
N GLU A 328 3.15 -3.15 -47.14
CA GLU A 328 4.39 -2.92 -47.87
C GLU A 328 5.23 -4.19 -47.80
N TYR A 329 5.73 -4.62 -48.96
CA TYR A 329 6.23 -5.99 -49.12
C TYR A 329 7.52 -6.21 -48.33
N LEU A 330 8.40 -5.21 -48.34
CA LEU A 330 9.77 -5.41 -47.90
C LEU A 330 10.42 -6.51 -48.73
#